data_5XGB
#
_entry.id   5XGB
#
_cell.length_a   134.720
_cell.length_b   134.720
_cell.length_c   210.450
_cell.angle_alpha   90.00
_cell.angle_beta   90.00
_cell.angle_gamma   120.00
#
_symmetry.space_group_name_H-M   'H 3 2'
#
loop_
_entity.id
_entity.type
_entity.pdbx_description
1 polymer 'Uncharacterized protein'
2 water water
#
_entity_poly.entity_id   1
_entity_poly.type   'polypeptide(L)'
_entity_poly.pdbx_seq_one_letter_code
;RQEVENALDAERERAQITLASIGDGVITADTQGGISYLNPAAEQMTNWTLDKARGLPLASLFRIVDESSREEGMLLIEQI
LSGEIDGGREHSKLVLRHDGSSVPVTLVGAPIHRGAEITGVVLVLHDMTRERQYMARLSWQATHDALTGLTNRREFEYRL
QIALERLERNSGRHALMFLDLDQFKLVNDTCGHAAGDELLRQVCTLLQQGLREGDTLARLGGDEFGILLENCPAEKAVEI
ADHLRKTIQDLHFTWSGQPFNCTVSVGLVHLLPGISTLEEALRSADMACYMAKEKGRNRVQVFHQDDVELSMRFGEMTWV
QRIHLALEEDRFSLYAQPIVPLGEGAEEGLHVELLLRLRDEGGRLVPPLSFIPAAERYGLMTLIDRWVVENAFRTLVERA
QDPRAEPIGTCAINLSGATIGDESFLQFLTELFARYRIPPQTICFEVTETVAVANLASAIRFINELKDTGCRFSLDDFCA
GMSSFIYLKHLPVDYLKIDGSFVKDMLEDPIDRAMVQVINHIGHVMGKRTIAEFVETVEVMEALREIGIDYAQGLAIGAP
LPFSRQPP
;
_entity_poly.pdbx_strand_id   A
#
# COMPACT_ATOMS: atom_id res chain seq x y z
N ASP A 9 -3.35 6.02 -49.89
CA ASP A 9 -3.25 7.42 -50.26
C ASP A 9 -2.18 8.14 -49.40
N ALA A 10 -2.46 9.38 -48.96
CA ALA A 10 -1.59 10.20 -48.11
C ALA A 10 -1.78 9.81 -46.64
N GLU A 11 -2.86 9.06 -46.33
CA GLU A 11 -3.20 8.55 -44.99
C GLU A 11 -2.10 7.59 -44.49
N ARG A 12 -1.54 6.78 -45.43
CA ARG A 12 -0.47 5.80 -45.21
C ARG A 12 0.78 6.46 -44.64
N GLU A 13 1.27 7.54 -45.29
CA GLU A 13 2.46 8.31 -44.87
C GLU A 13 2.30 8.82 -43.43
N ARG A 14 1.12 9.41 -43.11
CA ARG A 14 0.78 9.91 -41.78
C ARG A 14 0.75 8.78 -40.74
N ALA A 15 0.06 7.65 -41.06
CA ALA A 15 -0.06 6.46 -40.23
C ALA A 15 1.28 5.82 -39.93
N GLN A 16 2.17 5.74 -40.94
CA GLN A 16 3.52 5.18 -40.80
C GLN A 16 4.36 6.02 -39.84
N ILE A 17 4.44 7.36 -40.08
CA ILE A 17 5.19 8.31 -39.24
C ILE A 17 4.71 8.21 -37.76
N THR A 18 3.37 8.13 -37.57
CA THR A 18 2.70 7.99 -36.27
C THR A 18 3.08 6.67 -35.58
N LEU A 19 3.06 5.54 -36.32
CA LEU A 19 3.43 4.24 -35.77
C LEU A 19 4.96 4.08 -35.59
N ALA A 20 5.76 4.91 -36.28
CA ALA A 20 7.22 4.94 -36.13
C ALA A 20 7.60 5.79 -34.91
N SER A 21 6.66 6.63 -34.42
CA SER A 21 6.80 7.49 -33.24
C SER A 21 6.43 6.73 -31.95
N ILE A 22 5.94 5.49 -32.11
CA ILE A 22 5.58 4.56 -31.04
C ILE A 22 6.86 3.73 -30.78
N GLY A 23 7.24 3.64 -29.51
CA GLY A 23 8.43 2.90 -29.10
C GLY A 23 8.22 1.40 -29.01
N ASP A 24 6.97 0.99 -28.78
CA ASP A 24 6.61 -0.42 -28.71
C ASP A 24 6.48 -1.07 -30.12
N GLY A 25 6.77 -2.37 -30.19
CA GLY A 25 6.67 -3.14 -31.41
C GLY A 25 5.20 -3.27 -31.84
N VAL A 26 4.89 -2.92 -33.09
CA VAL A 26 3.51 -3.01 -33.57
C VAL A 26 3.45 -4.01 -34.72
N ILE A 27 2.72 -5.12 -34.52
CA ILE A 27 2.59 -6.17 -35.53
C ILE A 27 1.12 -6.30 -35.95
N THR A 28 0.88 -6.26 -37.25
CA THR A 28 -0.45 -6.46 -37.85
C THR A 28 -0.34 -7.70 -38.73
N ALA A 29 -1.28 -8.64 -38.58
CA ALA A 29 -1.28 -9.89 -39.34
C ALA A 29 -2.71 -10.34 -39.69
N ASP A 30 -2.84 -11.24 -40.70
CA ASP A 30 -4.15 -11.78 -41.05
C ASP A 30 -4.48 -12.96 -40.14
N THR A 31 -5.69 -13.54 -40.27
CA THR A 31 -6.17 -14.68 -39.48
C THR A 31 -5.18 -15.89 -39.51
N GLN A 32 -4.46 -16.06 -40.64
CA GLN A 32 -3.48 -17.14 -40.86
C GLN A 32 -2.10 -16.88 -40.27
N GLY A 33 -1.77 -15.61 -40.03
CA GLY A 33 -0.47 -15.20 -39.47
C GLY A 33 0.40 -14.41 -40.43
N GLY A 34 -0.03 -14.29 -41.69
CA GLY A 34 0.67 -13.55 -42.73
C GLY A 34 0.92 -12.12 -42.30
N ILE A 35 2.17 -11.68 -42.34
CA ILE A 35 2.54 -10.33 -41.86
C ILE A 35 2.12 -9.22 -42.83
N SER A 36 1.23 -8.32 -42.36
CA SER A 36 0.81 -7.15 -43.14
C SER A 36 1.59 -5.89 -42.74
N TYR A 37 1.92 -5.73 -41.46
CA TYR A 37 2.63 -4.55 -40.99
C TYR A 37 3.57 -4.81 -39.81
N LEU A 38 4.64 -4.03 -39.76
CA LEU A 38 5.65 -3.99 -38.71
C LEU A 38 6.10 -2.55 -38.65
N ASN A 39 6.22 -1.98 -37.45
CA ASN A 39 6.78 -0.64 -37.33
C ASN A 39 8.30 -0.86 -37.07
N PRO A 40 9.22 0.13 -37.20
CA PRO A 40 10.66 -0.12 -36.95
C PRO A 40 11.00 -0.84 -35.62
N ALA A 41 10.29 -0.53 -34.53
CA ALA A 41 10.49 -1.20 -33.25
C ALA A 41 10.21 -2.72 -33.35
N ALA A 42 9.10 -3.10 -34.05
CA ALA A 42 8.73 -4.51 -34.26
C ALA A 42 9.79 -5.20 -35.12
N GLU A 43 10.32 -4.50 -36.16
CA GLU A 43 11.39 -4.97 -37.07
C GLU A 43 12.66 -5.32 -36.29
N GLN A 44 13.10 -4.42 -35.39
CA GLN A 44 14.28 -4.60 -34.51
C GLN A 44 14.04 -5.77 -33.55
N MET A 45 12.81 -5.90 -33.03
CA MET A 45 12.42 -6.96 -32.11
C MET A 45 12.39 -8.35 -32.79
N THR A 46 11.90 -8.41 -34.04
CA THR A 46 11.75 -9.66 -34.79
C THR A 46 12.99 -10.06 -35.59
N ASN A 47 13.87 -9.10 -35.91
CA ASN A 47 15.07 -9.26 -36.75
C ASN A 47 14.67 -9.51 -38.21
N TRP A 48 13.52 -8.94 -38.61
CA TRP A 48 12.95 -9.05 -39.95
C TRP A 48 12.39 -7.70 -40.41
N THR A 49 12.71 -7.30 -41.64
CA THR A 49 12.17 -6.05 -42.20
C THR A 49 10.80 -6.36 -42.79
N LEU A 50 10.00 -5.32 -43.07
CA LEU A 50 8.67 -5.53 -43.65
C LEU A 50 8.74 -5.96 -45.11
N ASP A 51 9.69 -5.40 -45.88
CA ASP A 51 9.93 -5.74 -47.30
C ASP A 51 10.13 -7.24 -47.50
N LYS A 52 10.83 -7.89 -46.55
CA LYS A 52 11.16 -9.32 -46.55
C LYS A 52 10.10 -10.19 -45.85
N ALA A 53 9.41 -9.66 -44.80
CA ALA A 53 8.41 -10.37 -44.01
C ALA A 53 6.98 -10.36 -44.57
N ARG A 54 6.63 -9.31 -45.35
CA ARG A 54 5.27 -9.12 -45.87
C ARG A 54 4.68 -10.35 -46.59
N GLY A 55 3.56 -10.79 -46.04
CA GLY A 55 2.80 -11.93 -46.55
C GLY A 55 3.12 -13.26 -45.89
N LEU A 56 4.35 -13.42 -45.40
CA LEU A 56 4.83 -14.67 -44.81
C LEU A 56 4.22 -14.99 -43.43
N PRO A 57 4.02 -16.27 -43.07
CA PRO A 57 3.41 -16.57 -41.76
C PRO A 57 4.35 -16.22 -40.60
N LEU A 58 3.78 -15.56 -39.57
CA LEU A 58 4.44 -15.09 -38.36
C LEU A 58 5.38 -16.16 -37.78
N ALA A 59 4.84 -17.36 -37.46
CA ALA A 59 5.53 -18.49 -36.85
C ALA A 59 6.75 -19.04 -37.64
N SER A 60 6.83 -18.76 -38.94
CA SER A 60 7.94 -19.17 -39.80
C SER A 60 9.03 -18.08 -39.90
N LEU A 61 8.86 -16.98 -39.15
CA LEU A 61 9.79 -15.86 -39.13
C LEU A 61 10.41 -15.68 -37.75
N PHE A 62 9.59 -15.87 -36.68
CA PHE A 62 9.91 -15.77 -35.26
C PHE A 62 8.80 -16.43 -34.44
N ARG A 63 9.05 -16.67 -33.15
CA ARG A 63 8.06 -17.25 -32.26
C ARG A 63 7.73 -16.33 -31.08
N ILE A 64 6.54 -16.50 -30.50
CA ILE A 64 6.05 -15.73 -29.36
C ILE A 64 5.56 -16.79 -28.39
N VAL A 65 6.37 -17.11 -27.39
CA VAL A 65 6.05 -18.18 -26.45
C VAL A 65 6.08 -17.74 -25.00
N ASP A 66 5.61 -18.62 -24.10
CA ASP A 66 5.65 -18.44 -22.65
C ASP A 66 7.10 -18.72 -22.18
N GLU A 67 7.47 -18.27 -20.94
CA GLU A 67 8.82 -18.49 -20.37
C GLU A 67 9.16 -19.99 -20.32
N SER A 68 10.16 -20.41 -21.13
CA SER A 68 10.66 -21.78 -21.34
C SER A 68 10.79 -22.63 -20.07
N LEU A 75 0.69 -24.26 -29.25
CA LEU A 75 0.74 -24.36 -30.72
C LEU A 75 0.80 -22.97 -31.38
N LEU A 76 -0.27 -22.16 -31.24
CA LEU A 76 -0.38 -20.80 -31.79
C LEU A 76 -1.12 -19.84 -30.85
N ILE A 77 -0.78 -18.53 -30.93
CA ILE A 77 -1.37 -17.46 -30.12
C ILE A 77 -2.54 -16.75 -30.83
N GLU A 78 -2.62 -16.83 -32.18
CA GLU A 78 -3.66 -16.19 -33.04
C GLU A 78 -5.10 -16.48 -32.61
N GLN A 79 -5.44 -17.76 -32.35
CA GLN A 79 -6.77 -18.19 -31.93
C GLN A 79 -7.15 -17.66 -30.54
N ILE A 80 -6.15 -17.56 -29.64
CA ILE A 80 -6.30 -17.03 -28.28
C ILE A 80 -6.74 -15.56 -28.36
N LEU A 81 -6.19 -14.81 -29.32
CA LEU A 81 -6.51 -13.40 -29.56
C LEU A 81 -7.92 -13.19 -30.14
N SER A 82 -8.32 -14.03 -31.11
CA SER A 82 -9.62 -13.94 -31.81
C SER A 82 -10.81 -14.51 -31.00
N GLY A 83 -10.53 -15.19 -29.89
CA GLY A 83 -11.54 -15.78 -29.02
C GLY A 83 -11.37 -15.41 -27.56
N GLU A 84 -10.39 -16.03 -26.89
CA GLU A 84 -10.07 -15.87 -25.47
C GLU A 84 -9.50 -14.46 -25.10
N ILE A 85 -8.16 -14.35 -25.00
CA ILE A 85 -7.37 -13.16 -24.63
C ILE A 85 -7.60 -11.99 -25.61
N ASP A 86 -7.55 -10.74 -25.08
CA ASP A 86 -7.77 -9.54 -25.89
C ASP A 86 -6.84 -8.37 -25.48
N GLY A 87 -7.24 -7.14 -25.84
CA GLY A 87 -6.49 -5.92 -25.61
C GLY A 87 -6.57 -5.33 -24.20
N GLY A 88 -6.99 -6.13 -23.23
CA GLY A 88 -7.09 -5.73 -21.83
C GLY A 88 -5.74 -5.78 -21.17
N ARG A 89 -5.52 -6.82 -20.31
CA ARG A 89 -4.27 -7.05 -19.58
C ARG A 89 -3.08 -7.40 -20.50
N GLU A 90 -1.86 -7.07 -20.03
CA GLU A 90 -0.61 -7.39 -20.73
C GLU A 90 -0.25 -8.83 -20.40
N HIS A 91 0.32 -9.56 -21.35
CA HIS A 91 0.74 -10.94 -21.18
C HIS A 91 2.24 -11.03 -21.39
N SER A 92 2.98 -11.51 -20.39
CA SER A 92 4.43 -11.67 -20.46
C SER A 92 4.80 -12.82 -21.42
N LYS A 93 5.56 -12.51 -22.46
CA LYS A 93 5.98 -13.45 -23.50
C LYS A 93 7.45 -13.24 -23.85
N LEU A 94 8.02 -14.19 -24.60
CA LEU A 94 9.37 -14.14 -25.13
C LEU A 94 9.22 -14.17 -26.64
N VAL A 95 9.93 -13.30 -27.34
CA VAL A 95 9.93 -13.29 -28.80
C VAL A 95 11.18 -14.09 -29.15
N LEU A 96 10.99 -15.36 -29.61
CA LEU A 96 12.11 -16.23 -30.01
C LEU A 96 12.48 -15.91 -31.46
N ARG A 97 13.68 -15.37 -31.67
CA ARG A 97 14.17 -14.95 -32.99
C ARG A 97 14.69 -16.13 -33.86
N HIS A 98 14.58 -17.38 -33.37
CA HIS A 98 15.02 -18.65 -34.01
C HIS A 98 16.50 -18.61 -34.52
N ASP A 99 17.27 -17.58 -34.11
CA ASP A 99 18.70 -17.38 -34.40
C ASP A 99 19.39 -16.72 -33.19
N GLY A 100 19.15 -15.42 -32.99
CA GLY A 100 19.71 -14.63 -31.88
C GLY A 100 18.89 -14.72 -30.60
N SER A 101 18.52 -15.96 -30.23
CA SER A 101 17.73 -16.37 -29.06
C SER A 101 16.41 -15.57 -28.86
N SER A 102 16.32 -14.58 -27.91
CA SER A 102 15.05 -13.94 -27.57
C SER A 102 15.07 -12.46 -27.10
N VAL A 103 13.84 -11.92 -26.91
CA VAL A 103 13.51 -10.57 -26.40
C VAL A 103 12.34 -10.73 -25.41
N PRO A 104 12.51 -10.40 -24.12
CA PRO A 104 11.37 -10.49 -23.18
C PRO A 104 10.40 -9.31 -23.39
N VAL A 105 9.10 -9.62 -23.57
CA VAL A 105 8.07 -8.63 -23.90
C VAL A 105 6.77 -8.75 -23.07
N THR A 106 6.00 -7.66 -23.02
CA THR A 106 4.63 -7.69 -22.50
C THR A 106 3.78 -7.51 -23.75
N LEU A 107 2.83 -8.41 -23.94
CA LEU A 107 2.02 -8.42 -25.14
C LEU A 107 0.59 -8.04 -24.87
N VAL A 108 0.04 -7.25 -25.78
CA VAL A 108 -1.37 -6.88 -25.83
C VAL A 108 -1.82 -7.16 -27.30
N GLY A 109 -2.92 -7.87 -27.45
CA GLY A 109 -3.44 -8.23 -28.76
C GLY A 109 -4.92 -7.97 -28.94
N ALA A 110 -5.32 -7.41 -30.08
CA ALA A 110 -6.72 -7.13 -30.35
C ALA A 110 -7.12 -7.60 -31.76
N PRO A 111 -8.36 -8.09 -31.97
CA PRO A 111 -8.74 -8.53 -33.32
C PRO A 111 -9.07 -7.36 -34.25
N ILE A 112 -8.78 -7.50 -35.55
CA ILE A 112 -9.09 -6.50 -36.58
C ILE A 112 -10.44 -6.88 -37.25
N HIS A 113 -11.34 -5.90 -37.47
CA HIS A 113 -12.65 -6.09 -38.10
C HIS A 113 -12.84 -5.23 -39.37
N ARG A 114 -13.81 -5.63 -40.22
CA ARG A 114 -14.21 -4.87 -41.41
C ARG A 114 -15.59 -4.21 -41.15
N GLY A 115 -16.24 -4.67 -40.09
CA GLY A 115 -17.56 -4.24 -39.64
C GLY A 115 -18.18 -5.32 -38.76
N ALA A 116 -18.13 -6.56 -39.28
CA ALA A 116 -18.63 -7.77 -38.63
C ALA A 116 -17.59 -8.89 -38.82
N GLU A 117 -16.88 -8.87 -39.97
CA GLU A 117 -15.87 -9.84 -40.37
C GLU A 117 -14.48 -9.59 -39.76
N ILE A 118 -14.01 -10.58 -39.00
CA ILE A 118 -12.68 -10.63 -38.38
C ILE A 118 -11.63 -10.86 -39.49
N THR A 119 -10.96 -9.78 -39.93
CA THR A 119 -9.97 -9.84 -41.02
C THR A 119 -8.53 -10.10 -40.54
N GLY A 120 -8.22 -9.81 -39.28
CA GLY A 120 -6.88 -10.00 -38.76
C GLY A 120 -6.65 -9.75 -37.29
N VAL A 121 -5.40 -9.41 -36.93
CA VAL A 121 -5.00 -9.15 -35.53
C VAL A 121 -3.92 -8.06 -35.40
N VAL A 122 -3.98 -7.30 -34.31
CA VAL A 122 -2.97 -6.31 -33.96
C VAL A 122 -2.29 -6.75 -32.64
N LEU A 123 -0.96 -6.77 -32.65
CA LEU A 123 -0.15 -7.07 -31.47
C LEU A 123 0.69 -5.84 -31.19
N VAL A 124 0.76 -5.48 -29.90
CA VAL A 124 1.53 -4.35 -29.36
C VAL A 124 2.45 -5.00 -28.34
N LEU A 125 3.75 -4.93 -28.62
CA LEU A 125 4.77 -5.59 -27.81
C LEU A 125 5.72 -4.60 -27.13
N HIS A 126 5.75 -4.61 -25.80
CA HIS A 126 6.65 -3.73 -25.06
C HIS A 126 7.88 -4.52 -24.61
N ASP A 127 9.06 -4.07 -25.06
CA ASP A 127 10.37 -4.67 -24.73
C ASP A 127 10.76 -4.31 -23.28
N MET A 128 10.71 -5.31 -22.39
CA MET A 128 10.98 -5.21 -20.94
C MET A 128 12.34 -4.66 -20.59
N THR A 129 13.30 -4.95 -21.44
CA THR A 129 14.68 -4.55 -21.42
C THR A 129 14.86 -3.00 -21.68
N ARG A 130 13.92 -2.35 -22.35
CA ARG A 130 14.03 -0.89 -22.58
C ARG A 130 13.65 -0.01 -21.37
N GLU A 131 13.00 -0.61 -20.34
CA GLU A 131 12.55 0.08 -19.11
C GLU A 131 13.66 0.85 -18.37
N ARG A 132 14.87 0.27 -18.30
CA ARG A 132 16.01 0.93 -17.65
C ARG A 132 16.53 2.16 -18.43
N GLN A 133 16.00 2.42 -19.64
CA GLN A 133 16.42 3.54 -20.48
C GLN A 133 15.50 4.75 -20.39
N TYR A 134 14.39 4.64 -19.63
CA TYR A 134 13.46 5.75 -19.49
C TYR A 134 13.85 6.68 -18.35
N MET A 135 14.88 7.51 -18.60
CA MET A 135 15.43 8.43 -17.62
C MET A 135 14.47 9.54 -17.20
N ALA A 136 13.69 10.12 -18.13
CA ALA A 136 12.69 11.13 -17.76
C ALA A 136 11.62 10.52 -16.82
N ARG A 137 11.16 9.25 -17.08
CA ARG A 137 10.18 8.53 -16.25
C ARG A 137 10.74 8.25 -14.87
N LEU A 138 11.99 7.75 -14.80
CA LEU A 138 12.69 7.46 -13.53
C LEU A 138 12.81 8.73 -12.71
N SER A 139 13.27 9.81 -13.33
CA SER A 139 13.39 11.12 -12.68
C SER A 139 12.01 11.55 -12.10
N TRP A 140 10.94 11.42 -12.91
CA TRP A 140 9.58 11.76 -12.52
C TRP A 140 9.10 10.92 -11.33
N GLN A 141 9.32 9.62 -11.38
CA GLN A 141 8.93 8.72 -10.32
C GLN A 141 9.62 8.98 -8.99
N ALA A 142 10.85 9.53 -8.99
CA ALA A 142 11.58 9.81 -7.73
C ALA A 142 11.06 11.07 -7.02
N THR A 143 10.44 12.00 -7.77
CA THR A 143 9.93 13.26 -7.23
C THR A 143 8.38 13.31 -7.18
N HIS A 144 7.71 12.22 -7.59
CA HIS A 144 6.25 12.21 -7.64
C HIS A 144 5.61 10.97 -7.13
N ASP A 145 4.36 11.13 -6.67
CA ASP A 145 3.51 10.06 -6.18
C ASP A 145 2.87 9.41 -7.40
N ALA A 146 3.14 8.13 -7.61
CA ALA A 146 2.71 7.30 -8.73
C ALA A 146 1.18 7.25 -8.93
N LEU A 147 0.42 7.38 -7.83
CA LEU A 147 -1.05 7.34 -7.90
C LEU A 147 -1.66 8.68 -8.31
N THR A 148 -1.41 9.74 -7.54
CA THR A 148 -2.05 11.03 -7.79
C THR A 148 -1.33 11.89 -8.84
N GLY A 149 -0.03 11.64 -9.02
CA GLY A 149 0.81 12.40 -9.93
C GLY A 149 1.41 13.62 -9.29
N LEU A 150 1.03 13.90 -8.02
CA LEU A 150 1.50 15.05 -7.24
C LEU A 150 2.97 14.83 -6.82
N THR A 151 3.61 15.85 -6.20
CA THR A 151 4.98 15.66 -5.72
C THR A 151 4.97 14.70 -4.52
N ASN A 152 6.04 13.94 -4.31
CA ASN A 152 6.06 13.03 -3.20
C ASN A 152 6.68 13.72 -1.97
N ARG A 153 6.86 12.97 -0.87
CA ARG A 153 7.44 13.43 0.38
C ARG A 153 8.86 13.97 0.17
N ARG A 154 9.67 13.25 -0.63
CA ARG A 154 11.07 13.57 -0.96
C ARG A 154 11.21 14.94 -1.61
N GLU A 155 10.49 15.17 -2.73
CA GLU A 155 10.46 16.43 -3.46
C GLU A 155 9.85 17.54 -2.60
N PHE A 156 8.80 17.23 -1.84
CA PHE A 156 8.15 18.20 -0.98
C PHE A 156 9.09 18.76 0.10
N GLU A 157 9.82 17.88 0.77
CA GLU A 157 10.73 18.27 1.83
C GLU A 157 11.88 19.07 1.24
N TYR A 158 12.33 18.70 0.04
CA TYR A 158 13.38 19.41 -0.69
C TYR A 158 12.91 20.83 -0.95
N ARG A 159 11.66 20.97 -1.49
CA ARG A 159 11.06 22.29 -1.77
C ARG A 159 10.86 23.09 -0.49
N LEU A 160 10.46 22.42 0.60
CA LEU A 160 10.27 23.11 1.88
C LEU A 160 11.62 23.60 2.42
N GLN A 161 12.69 22.77 2.31
CA GLN A 161 14.04 23.11 2.72
C GLN A 161 14.58 24.30 1.91
N ILE A 162 14.34 24.32 0.58
CA ILE A 162 14.77 25.43 -0.31
C ILE A 162 14.05 26.70 0.13
N ALA A 163 12.73 26.63 0.34
CA ALA A 163 11.87 27.73 0.77
C ALA A 163 12.34 28.34 2.08
N LEU A 164 12.99 27.55 2.95
CA LEU A 164 13.51 27.99 4.25
C LEU A 164 14.98 28.48 4.23
N GLU A 165 15.80 28.11 3.21
CA GLU A 165 17.25 28.42 3.18
C GLU A 165 17.69 29.32 2.03
N ARG A 166 16.88 29.39 0.95
CA ARG A 166 17.08 30.22 -0.26
C ARG A 166 17.44 31.67 0.13
N LEU A 167 18.26 32.33 -0.69
CA LEU A 167 18.64 33.72 -0.46
C LEU A 167 17.72 34.68 -1.21
N GLU A 168 17.27 34.27 -2.42
CA GLU A 168 16.40 35.08 -3.26
C GLU A 168 14.93 34.67 -3.09
N ARG A 169 13.99 35.55 -3.49
CA ARG A 169 12.52 35.34 -3.42
C ARG A 169 12.04 34.91 -2.01
N ASN A 170 12.73 35.37 -0.94
CA ASN A 170 12.45 35.04 0.45
C ASN A 170 12.13 36.27 1.31
N SER A 171 11.22 37.10 0.79
CA SER A 171 10.75 38.36 1.41
C SER A 171 9.70 38.16 2.50
N GLY A 172 8.77 37.24 2.28
CA GLY A 172 7.66 37.01 3.17
C GLY A 172 7.77 35.79 4.04
N ARG A 173 6.63 35.40 4.60
CA ARG A 173 6.53 34.21 5.43
C ARG A 173 5.82 33.15 4.61
N HIS A 174 6.22 31.91 4.80
CA HIS A 174 5.60 30.81 4.07
C HIS A 174 4.55 30.16 4.99
N ALA A 175 3.70 29.29 4.43
CA ALA A 175 2.68 28.56 5.19
C ALA A 175 2.69 27.10 4.79
N LEU A 176 2.90 26.23 5.78
CA LEU A 176 2.91 24.79 5.58
C LEU A 176 1.61 24.22 6.10
N MET A 177 1.01 23.33 5.29
CA MET A 177 -0.22 22.61 5.63
C MET A 177 -0.08 21.10 5.46
N PHE A 178 -0.71 20.36 6.39
CA PHE A 178 -0.89 18.92 6.36
C PHE A 178 -2.40 18.71 6.38
N LEU A 179 -2.95 18.06 5.36
CA LEU A 179 -4.38 17.77 5.33
C LEU A 179 -4.60 16.29 5.16
N ASP A 180 -5.24 15.70 6.20
CA ASP A 180 -5.54 14.28 6.23
C ASP A 180 -6.98 14.07 5.87
N LEU A 181 -7.22 13.16 4.92
CA LEU A 181 -8.55 12.80 4.48
C LEU A 181 -9.11 11.83 5.53
N ASP A 182 -10.08 12.30 6.33
CA ASP A 182 -10.72 11.61 7.47
C ASP A 182 -11.34 10.24 7.17
N GLN A 183 -11.87 10.04 5.95
CA GLN A 183 -12.60 8.82 5.60
C GLN A 183 -11.83 7.91 4.66
N PHE A 184 -10.52 8.15 4.47
CA PHE A 184 -9.77 7.33 3.54
C PHE A 184 -9.82 5.84 3.89
N LYS A 185 -9.47 5.49 5.15
CA LYS A 185 -9.49 4.13 5.66
C LYS A 185 -10.88 3.50 5.51
N LEU A 186 -11.95 4.26 5.84
CA LEU A 186 -13.33 3.81 5.73
C LEU A 186 -13.65 3.35 4.29
N VAL A 187 -13.28 4.15 3.29
CA VAL A 187 -13.57 3.83 1.89
C VAL A 187 -12.71 2.67 1.43
N ASN A 188 -11.43 2.71 1.77
CA ASN A 188 -10.46 1.67 1.42
C ASN A 188 -10.84 0.30 1.99
N ASP A 189 -11.32 0.25 3.23
CA ASP A 189 -11.67 -1.04 3.86
C ASP A 189 -13.02 -1.58 3.43
N THR A 190 -14.05 -0.71 3.40
CA THR A 190 -15.42 -1.10 3.05
C THR A 190 -15.63 -1.24 1.51
N CYS A 191 -14.98 -0.44 0.68
CA CYS A 191 -15.13 -0.54 -0.79
C CYS A 191 -13.98 -1.27 -1.47
N GLY A 192 -12.77 -1.14 -0.94
CA GLY A 192 -11.60 -1.75 -1.54
C GLY A 192 -10.56 -0.74 -1.97
N HIS A 193 -9.39 -1.22 -2.38
CA HIS A 193 -8.27 -0.39 -2.76
C HIS A 193 -8.56 0.55 -3.94
N ALA A 194 -9.19 0.02 -5.00
CA ALA A 194 -9.55 0.74 -6.21
C ALA A 194 -10.39 1.98 -5.84
N ALA A 195 -11.31 1.86 -4.88
CA ALA A 195 -12.15 2.95 -4.39
C ALA A 195 -11.35 4.00 -3.64
N GLY A 196 -10.39 3.56 -2.82
CA GLY A 196 -9.52 4.45 -2.06
C GLY A 196 -8.64 5.28 -2.97
N ASP A 197 -8.15 4.67 -4.03
CA ASP A 197 -7.31 5.28 -5.06
C ASP A 197 -8.07 6.35 -5.82
N GLU A 198 -9.32 6.04 -6.22
CA GLU A 198 -10.18 6.97 -6.93
C GLU A 198 -10.53 8.17 -6.05
N LEU A 199 -10.79 7.94 -4.75
CA LEU A 199 -11.08 9.02 -3.81
C LEU A 199 -9.87 9.97 -3.65
N LEU A 200 -8.65 9.42 -3.59
CA LEU A 200 -7.43 10.23 -3.49
C LEU A 200 -7.17 11.09 -4.75
N ARG A 201 -7.45 10.52 -5.93
CA ARG A 201 -7.33 11.18 -7.25
C ARG A 201 -8.32 12.36 -7.37
N GLN A 202 -9.53 12.22 -6.77
CA GLN A 202 -10.57 13.25 -6.78
C GLN A 202 -10.24 14.37 -5.81
N VAL A 203 -9.73 14.01 -4.61
CA VAL A 203 -9.30 14.99 -3.60
C VAL A 203 -8.11 15.77 -4.18
N CYS A 204 -7.20 15.07 -4.91
CA CYS A 204 -6.04 15.66 -5.58
C CYS A 204 -6.47 16.73 -6.61
N THR A 205 -7.44 16.40 -7.49
CA THR A 205 -8.00 17.32 -8.49
C THR A 205 -8.55 18.57 -7.81
N LEU A 206 -9.35 18.37 -6.77
CA LEU A 206 -9.98 19.44 -5.99
C LEU A 206 -8.96 20.34 -5.28
N LEU A 207 -7.86 19.77 -4.72
CA LEU A 207 -6.84 20.60 -4.06
C LEU A 207 -6.03 21.38 -5.10
N GLN A 208 -5.71 20.75 -6.26
CA GLN A 208 -5.02 21.35 -7.42
C GLN A 208 -5.85 22.55 -7.85
N GLN A 209 -7.18 22.31 -8.13
CA GLN A 209 -8.16 23.33 -8.53
C GLN A 209 -8.24 24.55 -7.59
N GLY A 210 -7.93 24.35 -6.31
CA GLY A 210 -7.98 25.38 -5.27
C GLY A 210 -6.67 26.08 -4.98
N LEU A 211 -5.59 25.69 -5.67
CA LEU A 211 -4.25 26.26 -5.52
C LEU A 211 -3.77 26.95 -6.81
N ARG A 212 -2.78 27.84 -6.67
CA ARG A 212 -2.22 28.56 -7.81
C ARG A 212 -0.78 28.15 -8.10
N GLU A 213 -0.32 28.40 -9.34
CA GLU A 213 1.05 28.12 -9.77
C GLU A 213 2.04 28.89 -8.88
N GLY A 214 2.95 28.14 -8.25
CA GLY A 214 3.91 28.64 -7.27
C GLY A 214 3.77 27.87 -5.97
N ASP A 215 2.58 27.29 -5.73
CA ASP A 215 2.26 26.48 -4.56
C ASP A 215 2.64 25.03 -4.79
N THR A 216 3.17 24.36 -3.77
CA THR A 216 3.49 22.94 -3.87
C THR A 216 2.36 22.17 -3.23
N LEU A 217 1.88 21.15 -3.93
CA LEU A 217 0.88 20.22 -3.47
C LEU A 217 1.51 18.86 -3.58
N ALA A 218 1.58 18.15 -2.46
CA ALA A 218 2.14 16.81 -2.43
C ALA A 218 1.23 15.80 -1.78
N ARG A 219 1.46 14.53 -2.07
CA ARG A 219 0.87 13.45 -1.34
C ARG A 219 2.01 12.91 -0.48
N LEU A 220 1.91 13.07 0.82
CA LEU A 220 2.97 12.65 1.76
C LEU A 220 2.94 11.18 2.17
N GLY A 221 1.79 10.53 2.03
CA GLY A 221 1.64 9.12 2.38
C GLY A 221 0.24 8.86 2.83
N GLY A 222 -0.27 7.65 2.53
CA GLY A 222 -1.61 7.22 2.86
C GLY A 222 -2.72 8.21 2.50
N ASP A 223 -3.29 8.83 3.52
CA ASP A 223 -4.39 9.77 3.43
C ASP A 223 -3.94 11.22 3.66
N GLU A 224 -2.62 11.44 3.67
CA GLU A 224 -2.03 12.71 3.97
C GLU A 224 -1.45 13.45 2.78
N PHE A 225 -1.87 14.71 2.65
CA PHE A 225 -1.40 15.65 1.63
C PHE A 225 -0.62 16.79 2.30
N GLY A 226 0.33 17.33 1.57
CA GLY A 226 1.15 18.44 2.04
C GLY A 226 0.98 19.64 1.12
N ILE A 227 0.84 20.82 1.72
CA ILE A 227 0.72 22.06 0.94
C ILE A 227 1.73 23.08 1.44
N LEU A 228 2.41 23.73 0.49
CA LEU A 228 3.32 24.83 0.78
C LEU A 228 2.88 26.07 0.02
N LEU A 229 2.56 27.12 0.76
CA LEU A 229 2.18 28.43 0.22
C LEU A 229 3.39 29.34 0.51
N GLU A 230 4.17 29.63 -0.52
CA GLU A 230 5.36 30.49 -0.37
C GLU A 230 4.97 31.96 -0.42
N ASN A 231 5.63 32.78 0.42
CA ASN A 231 5.46 34.24 0.52
C ASN A 231 3.99 34.64 0.63
N CYS A 232 3.31 33.97 1.56
CA CYS A 232 1.89 34.14 1.83
C CYS A 232 1.66 34.83 3.17
N PRO A 233 0.91 35.99 3.18
CA PRO A 233 0.57 36.63 4.47
C PRO A 233 -0.21 35.67 5.35
N ALA A 234 -0.07 35.78 6.70
CA ALA A 234 -0.71 34.90 7.68
C ALA A 234 -2.21 34.68 7.46
N GLU A 235 -3.02 35.76 7.44
CA GLU A 235 -4.47 35.70 7.26
C GLU A 235 -4.86 35.02 5.96
N LYS A 236 -4.24 35.39 4.83
CA LYS A 236 -4.52 34.78 3.53
C LYS A 236 -4.34 33.22 3.57
N ALA A 237 -3.24 32.73 4.21
CA ALA A 237 -2.90 31.31 4.36
C ALA A 237 -4.00 30.52 5.10
N VAL A 238 -4.48 31.06 6.22
CA VAL A 238 -5.56 30.49 7.05
C VAL A 238 -6.90 30.50 6.26
N GLU A 239 -7.12 31.52 5.41
CA GLU A 239 -8.33 31.62 4.59
C GLU A 239 -8.36 30.55 3.52
N ILE A 240 -7.22 30.36 2.81
CA ILE A 240 -7.02 29.33 1.76
C ILE A 240 -7.27 27.92 2.35
N ALA A 241 -6.75 27.66 3.56
CA ALA A 241 -6.91 26.39 4.29
C ALA A 241 -8.38 26.08 4.55
N ASP A 242 -9.13 27.08 5.07
CA ASP A 242 -10.57 27.00 5.35
C ASP A 242 -11.39 26.77 4.08
N HIS A 243 -10.97 27.41 2.97
CA HIS A 243 -11.62 27.25 1.66
C HIS A 243 -11.45 25.84 1.15
N LEU A 244 -10.20 25.31 1.14
CA LEU A 244 -9.88 23.95 0.70
C LEU A 244 -10.66 22.92 1.52
N ARG A 245 -10.67 23.07 2.85
CA ARG A 245 -11.38 22.19 3.78
C ARG A 245 -12.87 22.12 3.47
N LYS A 246 -13.54 23.29 3.26
CA LYS A 246 -14.95 23.41 2.90
C LYS A 246 -15.18 22.86 1.50
N THR A 247 -14.23 23.08 0.59
CA THR A 247 -14.30 22.59 -0.79
C THR A 247 -14.38 21.03 -0.80
N ILE A 248 -13.65 20.35 0.14
CA ILE A 248 -13.66 18.87 0.27
C ILE A 248 -15.02 18.38 0.81
N GLN A 249 -15.60 19.15 1.74
CA GLN A 249 -16.92 18.87 2.32
C GLN A 249 -17.98 18.90 1.21
N ASP A 250 -17.77 19.77 0.18
CA ASP A 250 -18.66 19.91 -0.98
C ASP A 250 -18.43 18.83 -2.06
N LEU A 251 -17.42 17.96 -1.89
CA LEU A 251 -17.17 16.87 -2.84
C LEU A 251 -18.30 15.83 -2.71
N HIS A 252 -18.69 15.23 -3.83
CA HIS A 252 -19.72 14.21 -3.81
C HIS A 252 -19.10 12.92 -4.36
N PHE A 253 -18.27 12.28 -3.53
CA PHE A 253 -17.60 11.03 -3.92
C PHE A 253 -18.57 9.87 -3.79
N THR A 254 -18.63 9.05 -4.86
CA THR A 254 -19.49 7.87 -4.90
C THR A 254 -18.69 6.67 -5.44
N TRP A 255 -19.05 5.46 -5.02
CA TRP A 255 -18.45 4.24 -5.52
C TRP A 255 -19.58 3.25 -5.73
N SER A 256 -19.84 2.88 -7.01
CA SER A 256 -20.97 2.02 -7.42
C SER A 256 -22.31 2.54 -6.86
N GLY A 257 -22.56 3.82 -7.13
CA GLY A 257 -23.75 4.54 -6.68
C GLY A 257 -23.78 4.98 -5.23
N GLN A 258 -22.92 4.37 -4.38
CA GLN A 258 -22.82 4.61 -2.93
C GLN A 258 -22.00 5.87 -2.57
N PRO A 259 -22.65 6.91 -1.98
CA PRO A 259 -21.87 8.11 -1.60
C PRO A 259 -21.10 7.99 -0.28
N PHE A 260 -20.15 8.92 -0.09
CA PHE A 260 -19.36 9.09 1.12
C PHE A 260 -19.24 10.57 1.42
N ASN A 261 -19.33 10.95 2.71
CA ASN A 261 -19.20 12.33 3.16
C ASN A 261 -17.72 12.53 3.45
N CYS A 262 -17.02 13.27 2.58
CA CYS A 262 -15.59 13.48 2.69
C CYS A 262 -15.20 14.77 3.33
N THR A 263 -14.26 14.68 4.27
CA THR A 263 -13.74 15.82 5.00
C THR A 263 -12.22 15.66 5.22
N VAL A 264 -11.54 16.78 5.46
CA VAL A 264 -10.13 16.83 5.80
C VAL A 264 -9.91 17.45 7.18
N SER A 265 -8.90 16.94 7.91
CA SER A 265 -8.40 17.53 9.15
C SER A 265 -7.10 18.24 8.71
N VAL A 266 -7.02 19.57 8.93
CA VAL A 266 -5.93 20.40 8.44
C VAL A 266 -5.07 20.98 9.58
N GLY A 267 -3.76 20.89 9.43
CA GLY A 267 -2.78 21.48 10.33
C GLY A 267 -2.00 22.55 9.58
N LEU A 268 -2.03 23.79 10.07
CA LEU A 268 -1.33 24.91 9.42
C LEU A 268 -0.24 25.54 10.31
N VAL A 269 0.97 25.73 9.75
CA VAL A 269 2.04 26.39 10.49
C VAL A 269 2.67 27.49 9.62
N HIS A 270 2.78 28.71 10.18
CA HIS A 270 3.42 29.84 9.50
C HIS A 270 4.93 29.71 9.70
N LEU A 271 5.68 29.84 8.61
CA LEU A 271 7.13 29.71 8.62
C LEU A 271 7.84 30.98 8.23
N LEU A 272 9.04 31.20 8.80
CA LEU A 272 9.89 32.31 8.44
C LEU A 272 11.25 31.80 7.89
N PRO A 273 11.52 32.05 6.58
CA PRO A 273 12.82 31.62 6.01
C PRO A 273 14.04 32.27 6.67
N GLY A 274 14.90 31.42 7.24
CA GLY A 274 16.11 31.82 7.96
C GLY A 274 16.09 31.43 9.43
N ILE A 275 14.88 31.34 10.04
CA ILE A 275 14.65 31.00 11.45
C ILE A 275 14.01 29.61 11.57
N SER A 276 12.95 29.34 10.78
CA SER A 276 12.24 28.05 10.79
C SER A 276 13.09 26.97 10.14
N THR A 277 13.11 25.79 10.79
CA THR A 277 13.87 24.58 10.44
C THR A 277 12.93 23.55 9.78
N LEU A 278 13.45 22.74 8.80
CA LEU A 278 12.69 21.69 8.10
C LEU A 278 11.97 20.74 9.04
N GLU A 279 12.73 20.15 9.99
CA GLU A 279 12.24 19.21 11.00
C GLU A 279 11.25 19.85 11.97
N GLU A 280 11.47 21.11 12.36
CA GLU A 280 10.58 21.85 13.26
C GLU A 280 9.26 22.12 12.53
N ALA A 281 9.33 22.53 11.23
CA ALA A 281 8.19 22.81 10.36
C ALA A 281 7.29 21.56 10.26
N LEU A 282 7.86 20.43 9.81
CA LEU A 282 7.17 19.16 9.67
C LEU A 282 6.54 18.68 10.99
N ARG A 283 7.28 18.76 12.10
CA ARG A 283 6.78 18.36 13.41
C ARG A 283 5.60 19.27 13.87
N SER A 284 5.70 20.58 13.61
CA SER A 284 4.65 21.55 13.97
C SER A 284 3.33 21.30 13.23
N ALA A 285 3.39 21.16 11.89
CA ALA A 285 2.23 20.90 11.03
C ALA A 285 1.57 19.57 11.39
N ASP A 286 2.36 18.61 11.85
CA ASP A 286 1.93 17.28 12.28
C ASP A 286 1.13 17.36 13.59
N MET A 287 1.64 18.12 14.58
CA MET A 287 1.00 18.36 15.89
C MET A 287 -0.32 19.09 15.73
N ALA A 288 -0.35 20.11 14.85
CA ALA A 288 -1.52 20.92 14.51
C ALA A 288 -2.57 20.07 13.77
N CYS A 289 -2.14 19.18 12.85
CA CYS A 289 -3.04 18.28 12.11
C CYS A 289 -3.67 17.26 13.07
N TYR A 290 -2.85 16.66 13.98
CA TYR A 290 -3.31 15.73 15.01
C TYR A 290 -4.34 16.44 15.92
N MET A 291 -4.06 17.70 16.30
CA MET A 291 -4.94 18.51 17.15
C MET A 291 -6.29 18.73 16.48
N ALA A 292 -6.30 19.03 15.16
CA ALA A 292 -7.53 19.21 14.36
C ALA A 292 -8.41 17.95 14.41
N LYS A 293 -7.77 16.75 14.44
CA LYS A 293 -8.45 15.46 14.51
C LYS A 293 -8.98 15.22 15.93
N GLU A 294 -8.15 15.53 16.95
CA GLU A 294 -8.46 15.40 18.38
C GLU A 294 -9.67 16.25 18.74
N LYS A 295 -9.77 17.44 18.11
CA LYS A 295 -10.84 18.41 18.33
C LYS A 295 -12.09 18.27 17.43
N GLY A 296 -12.25 17.13 16.74
CA GLY A 296 -13.45 16.97 15.92
C GLY A 296 -13.36 16.35 14.54
N ARG A 297 -12.25 16.61 13.82
CA ARG A 297 -11.88 16.09 12.48
C ARG A 297 -12.26 16.93 11.27
N ASN A 298 -13.24 17.82 11.32
CA ASN A 298 -13.49 18.51 10.05
C ASN A 298 -13.24 19.97 10.28
N ARG A 299 -11.95 20.29 10.48
CA ARG A 299 -11.48 21.60 10.86
C ARG A 299 -10.00 21.84 10.55
N VAL A 300 -9.59 23.12 10.68
CA VAL A 300 -8.24 23.65 10.51
C VAL A 300 -7.74 24.03 11.90
N GLN A 301 -6.49 23.71 12.18
CA GLN A 301 -5.83 24.04 13.43
C GLN A 301 -4.50 24.72 13.10
N VAL A 302 -4.45 26.03 13.39
CA VAL A 302 -3.30 26.87 13.17
C VAL A 302 -2.39 26.65 14.38
N PHE A 303 -1.14 26.25 14.11
CA PHE A 303 -0.13 26.02 15.12
C PHE A 303 0.24 27.34 15.80
N HIS A 304 0.32 27.31 17.13
CA HIS A 304 0.75 28.41 17.98
C HIS A 304 1.68 27.76 18.99
N GLN A 305 2.82 28.41 19.31
CA GLN A 305 3.80 27.83 20.25
C GLN A 305 3.20 27.52 21.64
N ASP A 306 2.42 28.46 22.22
CA ASP A 306 1.79 28.26 23.52
C ASP A 306 0.60 27.29 23.40
N ASP A 307 -0.43 27.67 22.60
CA ASP A 307 -1.68 26.94 22.36
C ASP A 307 -1.54 25.45 22.01
N VAL A 308 -0.54 25.07 21.19
CA VAL A 308 -0.39 23.69 20.74
C VAL A 308 0.48 22.84 21.71
N GLU A 309 1.60 23.38 22.22
CA GLU A 309 2.46 22.66 23.17
C GLU A 309 1.76 22.34 24.48
N LEU A 310 0.93 23.29 25.00
CA LEU A 310 0.14 23.11 26.22
C LEU A 310 -0.92 22.04 25.97
N SER A 311 -1.60 22.09 24.80
CA SER A 311 -2.63 21.14 24.40
C SER A 311 -2.08 19.73 24.17
N MET A 312 -0.81 19.62 23.71
CA MET A 312 -0.15 18.34 23.51
C MET A 312 0.34 17.80 24.85
N ARG A 313 0.76 18.70 25.76
CA ARG A 313 1.20 18.37 27.12
C ARG A 313 -0.02 17.89 27.95
N PHE A 314 -1.20 18.55 27.75
CA PHE A 314 -2.47 18.19 28.38
C PHE A 314 -2.90 16.82 27.89
N GLY A 315 -2.82 16.60 26.57
CA GLY A 315 -3.13 15.34 25.91
C GLY A 315 -2.25 14.18 26.35
N GLU A 316 -0.95 14.47 26.59
CA GLU A 316 0.02 13.49 27.07
C GLU A 316 -0.36 13.01 28.46
N MET A 317 -0.64 13.97 29.36
CA MET A 317 -1.07 13.71 30.74
C MET A 317 -2.36 12.93 30.76
N THR A 318 -3.35 13.28 29.92
CA THR A 318 -4.62 12.56 29.93
C THR A 318 -4.46 11.13 29.42
N TRP A 319 -3.61 10.90 28.39
CA TRP A 319 -3.45 9.53 27.87
C TRP A 319 -2.56 8.66 28.72
N VAL A 320 -1.62 9.22 29.47
CA VAL A 320 -0.82 8.44 30.42
C VAL A 320 -1.80 7.85 31.48
N GLN A 321 -2.64 8.72 32.09
CA GLN A 321 -3.67 8.37 33.08
C GLN A 321 -4.69 7.35 32.50
N ARG A 322 -5.22 7.62 31.30
CA ARG A 322 -6.19 6.75 30.64
C ARG A 322 -5.71 5.35 30.35
N ILE A 323 -4.47 5.20 29.83
CA ILE A 323 -3.94 3.87 29.50
C ILE A 323 -3.57 3.10 30.78
N HIS A 324 -2.91 3.74 31.74
CA HIS A 324 -2.57 3.09 33.01
C HIS A 324 -3.82 2.69 33.80
N LEU A 325 -4.82 3.56 33.90
CA LEU A 325 -6.07 3.22 34.57
C LEU A 325 -6.76 2.02 33.89
N ALA A 326 -6.81 2.00 32.55
CA ALA A 326 -7.37 0.88 31.80
C ALA A 326 -6.60 -0.43 32.09
N LEU A 327 -5.25 -0.37 32.23
CA LEU A 327 -4.38 -1.51 32.59
C LEU A 327 -4.62 -1.98 34.04
N GLU A 328 -4.76 -1.02 34.96
CA GLU A 328 -4.98 -1.28 36.37
C GLU A 328 -6.37 -1.85 36.65
N GLU A 329 -7.37 -1.43 35.87
CA GLU A 329 -8.75 -1.87 36.07
C GLU A 329 -9.14 -3.08 35.19
N ASP A 330 -8.15 -3.79 34.59
CA ASP A 330 -8.34 -4.98 33.77
C ASP A 330 -9.40 -4.80 32.66
N ARG A 331 -9.35 -3.65 31.98
CA ARG A 331 -10.31 -3.28 30.96
C ARG A 331 -9.83 -3.57 29.54
N PHE A 332 -8.56 -3.95 29.38
CA PHE A 332 -8.08 -4.37 28.07
C PHE A 332 -8.33 -5.86 28.01
N SER A 333 -8.56 -6.39 26.82
CA SER A 333 -8.75 -7.82 26.64
C SER A 333 -8.28 -8.23 25.27
N LEU A 334 -8.13 -9.55 25.10
CA LEU A 334 -7.69 -10.11 23.85
C LEU A 334 -8.74 -10.99 23.22
N TYR A 335 -8.88 -10.85 21.90
CA TYR A 335 -9.74 -11.67 21.07
C TYR A 335 -8.81 -12.42 20.10
N ALA A 336 -9.31 -13.52 19.49
CA ALA A 336 -8.53 -14.32 18.54
C ALA A 336 -9.37 -14.63 17.32
N GLN A 337 -8.81 -14.35 16.14
CA GLN A 337 -9.45 -14.58 14.84
C GLN A 337 -8.65 -15.69 14.13
N PRO A 338 -9.29 -16.76 13.62
CA PRO A 338 -8.51 -17.84 12.99
C PRO A 338 -7.89 -17.51 11.62
N ILE A 339 -6.78 -18.17 11.28
CA ILE A 339 -6.09 -18.07 10.00
C ILE A 339 -6.00 -19.52 9.54
N VAL A 340 -6.56 -19.82 8.35
CA VAL A 340 -6.55 -21.24 7.91
C VAL A 340 -5.73 -21.45 6.65
N PRO A 341 -5.05 -22.62 6.52
CA PRO A 341 -4.33 -22.92 5.27
C PRO A 341 -5.33 -23.21 4.13
N LEU A 342 -4.98 -22.80 2.92
CA LEU A 342 -5.81 -23.00 1.74
C LEU A 342 -5.29 -24.24 0.97
N GLY A 343 -4.09 -24.70 1.35
CA GLY A 343 -3.42 -25.85 0.76
C GLY A 343 -4.04 -27.15 1.22
N GLU A 344 -3.86 -28.21 0.39
CA GLU A 344 -4.42 -29.55 0.58
C GLU A 344 -3.72 -30.40 1.65
N GLY A 345 -4.53 -31.16 2.39
CA GLY A 345 -4.10 -32.08 3.45
C GLY A 345 -3.43 -31.42 4.64
N ALA A 346 -3.98 -30.28 5.09
CA ALA A 346 -3.47 -29.46 6.18
C ALA A 346 -3.51 -30.16 7.55
N GLU A 347 -2.41 -30.03 8.33
CA GLU A 347 -2.18 -30.62 9.67
C GLU A 347 -1.14 -29.80 10.49
N GLU A 348 -1.41 -28.49 10.66
CA GLU A 348 -0.46 -27.59 11.32
C GLU A 348 -0.87 -27.07 12.71
N GLY A 349 -2.10 -27.37 13.13
CA GLY A 349 -2.64 -26.91 14.40
C GLY A 349 -3.22 -25.52 14.23
N LEU A 350 -4.23 -25.17 15.05
CA LEU A 350 -4.93 -23.88 15.06
C LEU A 350 -3.96 -22.67 14.98
N HIS A 351 -4.21 -21.78 14.00
CA HIS A 351 -3.44 -20.58 13.82
C HIS A 351 -4.35 -19.41 14.09
N VAL A 352 -3.95 -18.52 15.01
CA VAL A 352 -4.77 -17.35 15.34
C VAL A 352 -3.98 -16.07 15.30
N GLU A 353 -4.71 -14.98 15.17
CA GLU A 353 -4.12 -13.66 15.26
C GLU A 353 -4.84 -13.03 16.42
N LEU A 354 -4.07 -12.43 17.34
CA LEU A 354 -4.62 -11.79 18.54
C LEU A 354 -4.97 -10.34 18.26
N LEU A 355 -6.09 -9.92 18.79
CA LEU A 355 -6.64 -8.59 18.58
C LEU A 355 -6.96 -7.97 19.88
N LEU A 356 -6.49 -6.74 20.06
CA LEU A 356 -6.73 -5.96 21.28
C LEU A 356 -8.09 -5.30 21.27
N ARG A 357 -8.71 -5.33 22.42
CA ARG A 357 -9.97 -4.69 22.66
C ARG A 357 -9.86 -3.97 24.01
N LEU A 358 -10.51 -2.80 24.11
CA LEU A 358 -10.60 -1.96 25.28
C LEU A 358 -12.06 -1.61 25.55
N ARG A 359 -12.51 -1.74 26.82
CA ARG A 359 -13.80 -1.31 27.32
C ARG A 359 -13.67 -0.01 28.19
N ASP A 360 -14.63 0.92 28.05
CA ASP A 360 -14.73 2.14 28.86
C ASP A 360 -15.25 1.77 30.26
N GLU A 361 -15.31 2.76 31.18
CA GLU A 361 -15.76 2.58 32.56
C GLU A 361 -17.20 2.02 32.74
N GLY A 362 -18.02 2.09 31.69
CA GLY A 362 -19.38 1.56 31.70
C GLY A 362 -19.52 0.18 31.10
N GLY A 363 -18.41 -0.37 30.60
CA GLY A 363 -18.36 -1.69 29.99
C GLY A 363 -18.55 -1.72 28.49
N ARG A 364 -18.60 -0.54 27.85
CA ARG A 364 -18.78 -0.47 26.40
C ARG A 364 -17.44 -0.53 25.65
N LEU A 365 -17.40 -1.31 24.55
CA LEU A 365 -16.22 -1.42 23.70
C LEU A 365 -15.82 -0.08 23.11
N VAL A 366 -14.52 0.21 23.08
CA VAL A 366 -13.96 1.46 22.58
C VAL A 366 -13.35 1.21 21.20
N PRO A 367 -13.86 1.86 20.12
CA PRO A 367 -13.25 1.68 18.79
C PRO A 367 -11.74 1.97 18.81
N PRO A 368 -10.91 1.18 18.08
CA PRO A 368 -9.44 1.41 18.10
C PRO A 368 -8.97 2.82 17.77
N LEU A 369 -9.60 3.52 16.81
CA LEU A 369 -9.18 4.88 16.44
C LEU A 369 -9.42 5.91 17.57
N SER A 370 -10.19 5.51 18.60
CA SER A 370 -10.44 6.37 19.76
C SER A 370 -9.31 6.24 20.82
N PHE A 371 -8.30 5.31 20.63
CA PHE A 371 -7.21 5.21 21.63
C PHE A 371 -5.84 4.90 21.08
N ILE A 372 -5.76 4.07 20.02
CA ILE A 372 -4.49 3.66 19.40
C ILE A 372 -3.72 4.87 18.82
N PRO A 373 -4.33 5.79 18.01
CA PRO A 373 -3.57 6.95 17.51
C PRO A 373 -3.02 7.87 18.63
N ALA A 374 -3.72 7.95 19.77
CA ALA A 374 -3.26 8.75 20.90
C ALA A 374 -2.13 8.00 21.62
N ALA A 375 -2.30 6.68 21.85
CA ALA A 375 -1.28 5.83 22.48
C ALA A 375 0.01 5.81 21.66
N GLU A 376 -0.09 5.83 20.31
CA GLU A 376 1.09 5.92 19.43
C GLU A 376 1.72 7.31 19.55
N ARG A 377 0.89 8.37 19.45
CA ARG A 377 1.33 9.77 19.50
C ARG A 377 2.13 10.09 20.76
N TYR A 378 1.66 9.56 21.89
CA TYR A 378 2.21 9.83 23.20
C TYR A 378 3.16 8.76 23.75
N GLY A 379 3.66 7.87 22.88
CA GLY A 379 4.62 6.85 23.25
C GLY A 379 4.13 5.88 24.30
N LEU A 380 2.87 5.43 24.20
CA LEU A 380 2.29 4.49 25.14
C LEU A 380 2.13 3.09 24.59
N MET A 381 2.66 2.85 23.39
CA MET A 381 2.50 1.56 22.70
C MET A 381 3.35 0.43 23.22
N THR A 382 4.58 0.70 23.70
CA THR A 382 5.45 -0.36 24.27
C THR A 382 4.77 -0.94 25.50
N LEU A 383 4.04 -0.10 26.23
CA LEU A 383 3.29 -0.42 27.42
C LEU A 383 2.12 -1.37 27.06
N ILE A 384 1.38 -1.01 26.02
CA ILE A 384 0.29 -1.81 25.47
C ILE A 384 0.81 -3.15 24.93
N ASP A 385 1.89 -3.12 24.08
CA ASP A 385 2.49 -4.32 23.51
C ASP A 385 2.92 -5.29 24.59
N ARG A 386 3.58 -4.80 25.66
CA ARG A 386 4.02 -5.63 26.80
C ARG A 386 2.87 -6.30 27.53
N TRP A 387 1.78 -5.55 27.75
CA TRP A 387 0.57 -6.14 28.34
C TRP A 387 0.02 -7.25 27.38
N VAL A 388 -0.07 -6.97 26.05
CA VAL A 388 -0.62 -7.91 25.06
C VAL A 388 0.15 -9.24 25.06
N VAL A 389 1.49 -9.16 24.97
CA VAL A 389 2.37 -10.32 24.87
C VAL A 389 2.29 -11.14 26.13
N GLU A 390 2.35 -10.49 27.30
CA GLU A 390 2.26 -11.21 28.56
C GLU A 390 0.91 -11.88 28.78
N ASN A 391 -0.20 -11.17 28.49
CA ASN A 391 -1.52 -11.74 28.68
C ASN A 391 -1.81 -12.82 27.64
N ALA A 392 -1.18 -12.76 26.44
CA ALA A 392 -1.26 -13.81 25.43
C ALA A 392 -0.63 -15.08 26.03
N PHE A 393 0.59 -14.96 26.60
CA PHE A 393 1.32 -16.09 27.21
C PHE A 393 0.54 -16.69 28.35
N ARG A 394 0.01 -15.81 29.24
CA ARG A 394 -0.81 -16.13 30.39
C ARG A 394 -2.08 -16.88 29.96
N THR A 395 -2.75 -16.42 28.87
CA THR A 395 -3.92 -17.09 28.33
C THR A 395 -3.56 -18.48 27.77
N LEU A 396 -2.43 -18.62 27.03
CA LEU A 396 -2.01 -19.89 26.46
C LEU A 396 -1.79 -20.93 27.55
N VAL A 397 -1.20 -20.54 28.69
CA VAL A 397 -1.00 -21.45 29.82
C VAL A 397 -2.34 -21.94 30.38
N GLU A 398 -3.26 -21.00 30.71
CA GLU A 398 -4.60 -21.29 31.25
C GLU A 398 -5.37 -22.24 30.31
N ARG A 399 -5.39 -21.89 29.03
CA ARG A 399 -6.03 -22.66 27.95
C ARG A 399 -5.49 -24.08 27.92
N ALA A 400 -4.17 -24.23 28.12
CA ALA A 400 -3.50 -25.54 28.10
C ALA A 400 -3.88 -26.47 29.25
N GLN A 401 -4.51 -25.94 30.34
CA GLN A 401 -4.99 -26.76 31.48
C GLN A 401 -6.01 -27.81 31.03
N ASP A 402 -6.82 -27.47 30.01
CA ASP A 402 -7.80 -28.34 29.40
C ASP A 402 -7.07 -29.35 28.50
N PRO A 403 -7.13 -30.69 28.79
CA PRO A 403 -6.43 -31.66 27.93
C PRO A 403 -7.08 -31.83 26.55
N ARG A 404 -8.39 -31.47 26.45
CA ARG A 404 -9.20 -31.55 25.24
C ARG A 404 -9.12 -30.27 24.37
N ALA A 405 -8.54 -29.17 24.90
CA ALA A 405 -8.39 -27.89 24.20
C ALA A 405 -7.60 -28.06 22.93
N GLU A 406 -8.10 -27.47 21.82
CA GLU A 406 -7.46 -27.51 20.50
C GLU A 406 -6.09 -26.84 20.62
N PRO A 407 -4.98 -27.60 20.47
CA PRO A 407 -3.67 -26.94 20.60
C PRO A 407 -3.46 -25.80 19.59
N ILE A 408 -2.80 -24.70 20.05
CA ILE A 408 -2.50 -23.55 19.19
C ILE A 408 -1.10 -23.73 18.63
N GLY A 409 -1.00 -23.81 17.30
CA GLY A 409 0.27 -23.92 16.60
C GLY A 409 0.92 -22.57 16.31
N THR A 410 0.09 -21.55 16.06
CA THR A 410 0.54 -20.20 15.75
C THR A 410 -0.29 -19.16 16.45
N CYS A 411 0.39 -18.30 17.17
CA CYS A 411 -0.21 -17.16 17.84
C CYS A 411 0.45 -15.89 17.27
N ALA A 412 -0.25 -15.23 16.36
CA ALA A 412 0.26 -14.01 15.71
C ALA A 412 -0.02 -12.76 16.56
N ILE A 413 1.00 -11.97 16.87
CA ILE A 413 0.83 -10.79 17.72
C ILE A 413 1.42 -9.57 17.01
N ASN A 414 0.66 -8.47 16.88
CA ASN A 414 1.15 -7.27 16.22
C ASN A 414 1.97 -6.42 17.17
N LEU A 415 3.11 -5.87 16.70
CA LEU A 415 3.99 -5.03 17.55
C LEU A 415 4.16 -3.66 16.90
N SER A 416 4.21 -2.63 17.72
CA SER A 416 4.31 -1.25 17.25
C SER A 416 5.75 -0.88 16.88
N GLY A 417 5.91 0.24 16.17
CA GLY A 417 7.23 0.76 15.80
C GLY A 417 8.06 1.02 17.02
N ALA A 418 7.40 1.53 18.08
CA ALA A 418 8.03 1.83 19.37
C ALA A 418 8.65 0.57 20.01
N THR A 419 7.99 -0.60 19.90
CA THR A 419 8.52 -1.87 20.40
C THR A 419 9.72 -2.30 19.52
N ILE A 420 9.61 -2.12 18.18
CA ILE A 420 10.67 -2.42 17.21
C ILE A 420 11.97 -1.71 17.56
N GLY A 421 11.87 -0.47 18.04
CA GLY A 421 13.02 0.34 18.42
C GLY A 421 13.43 0.22 19.87
N ASP A 422 12.76 -0.66 20.66
CA ASP A 422 13.03 -0.87 22.09
C ASP A 422 14.00 -2.02 22.28
N GLU A 423 15.18 -1.69 22.83
CA GLU A 423 16.34 -2.57 23.08
C GLU A 423 16.14 -3.52 24.26
N SER A 424 15.27 -3.13 25.19
CA SER A 424 14.92 -3.91 26.38
C SER A 424 13.82 -4.94 26.12
N PHE A 425 13.18 -4.93 24.94
CA PHE A 425 12.05 -5.84 24.65
C PHE A 425 12.47 -7.29 24.67
N LEU A 426 13.66 -7.59 24.09
CA LEU A 426 14.14 -8.97 24.01
C LEU A 426 14.39 -9.57 25.40
N GLN A 427 14.84 -8.76 26.37
CA GLN A 427 15.04 -9.20 27.73
C GLN A 427 13.68 -9.47 28.38
N PHE A 428 12.67 -8.59 28.11
CA PHE A 428 11.31 -8.75 28.58
C PHE A 428 10.72 -10.05 28.03
N LEU A 429 10.87 -10.28 26.70
CA LEU A 429 10.43 -11.50 26.04
C LEU A 429 11.13 -12.75 26.56
N THR A 430 12.47 -12.69 26.80
CA THR A 430 13.22 -13.84 27.37
C THR A 430 12.65 -14.24 28.73
N GLU A 431 12.27 -13.27 29.55
CA GLU A 431 11.72 -13.48 30.89
C GLU A 431 10.31 -14.07 30.80
N LEU A 432 9.51 -13.65 29.79
CA LEU A 432 8.17 -14.19 29.54
C LEU A 432 8.27 -15.65 29.16
N PHE A 433 9.25 -16.03 28.29
CA PHE A 433 9.47 -17.43 27.90
C PHE A 433 9.83 -18.31 29.11
N ALA A 434 10.64 -17.76 30.04
CA ALA A 434 11.04 -18.52 31.22
C ALA A 434 9.88 -18.62 32.21
N ARG A 435 9.05 -17.59 32.29
CA ARG A 435 7.90 -17.57 33.21
C ARG A 435 6.71 -18.43 32.71
N TYR A 436 6.35 -18.34 31.42
CA TYR A 436 5.16 -19.02 30.89
C TYR A 436 5.44 -20.30 30.12
N ARG A 437 6.69 -20.54 29.74
CA ARG A 437 7.13 -21.76 29.05
C ARG A 437 6.45 -21.98 27.69
N ILE A 438 6.07 -20.89 26.99
CA ILE A 438 5.48 -20.99 25.67
C ILE A 438 6.61 -21.30 24.67
N PRO A 439 6.54 -22.32 23.79
CA PRO A 439 7.63 -22.49 22.80
C PRO A 439 7.75 -21.24 21.91
N PRO A 440 8.96 -20.67 21.69
CA PRO A 440 9.07 -19.47 20.83
C PRO A 440 8.50 -19.67 19.43
N GLN A 441 8.63 -20.88 18.89
CA GLN A 441 8.15 -21.33 17.58
C GLN A 441 6.64 -21.15 17.37
N THR A 442 5.87 -21.14 18.43
CA THR A 442 4.43 -20.98 18.33
C THR A 442 4.05 -19.50 18.24
N ILE A 443 5.04 -18.58 18.42
CA ILE A 443 4.78 -17.15 18.35
C ILE A 443 5.19 -16.57 17.02
N CYS A 444 4.27 -15.82 16.39
CA CYS A 444 4.57 -15.11 15.13
C CYS A 444 4.36 -13.62 15.39
N PHE A 445 5.43 -12.82 15.44
CA PHE A 445 5.27 -11.39 15.65
C PHE A 445 4.95 -10.73 14.33
N GLU A 446 4.13 -9.69 14.34
CA GLU A 446 3.83 -8.98 13.10
C GLU A 446 4.15 -7.52 13.21
N VAL A 447 4.67 -6.94 12.11
CA VAL A 447 4.86 -5.51 11.93
C VAL A 447 4.27 -5.12 10.59
N THR A 448 3.71 -3.91 10.51
CA THR A 448 3.21 -3.48 9.21
C THR A 448 4.42 -3.08 8.38
N GLU A 449 4.26 -3.14 7.06
CA GLU A 449 5.26 -2.70 6.09
C GLU A 449 5.63 -1.22 6.34
N THR A 450 4.68 -0.40 6.77
CA THR A 450 4.90 1.01 7.09
C THR A 450 5.81 1.22 8.32
N VAL A 451 5.57 0.47 9.40
CA VAL A 451 6.37 0.54 10.62
C VAL A 451 7.82 0.09 10.33
N ALA A 452 7.97 -1.02 9.58
CA ALA A 452 9.26 -1.58 9.19
C ALA A 452 10.08 -0.56 8.39
N VAL A 453 9.49 0.05 7.37
CA VAL A 453 10.19 1.00 6.49
C VAL A 453 10.54 2.29 7.23
N ALA A 454 9.72 2.73 8.22
CA ALA A 454 9.94 3.96 9.00
C ALA A 454 11.22 3.91 9.85
N ASN A 455 11.64 2.69 10.27
CA ASN A 455 12.89 2.47 11.02
C ASN A 455 13.44 1.14 10.54
N LEU A 456 13.96 1.17 9.31
CA LEU A 456 14.43 0.01 8.55
C LEU A 456 15.53 -0.79 9.24
N ALA A 457 16.63 -0.13 9.64
CA ALA A 457 17.77 -0.77 10.28
C ALA A 457 17.38 -1.48 11.56
N SER A 458 16.61 -0.79 12.41
CA SER A 458 16.15 -1.36 13.68
C SER A 458 15.15 -2.50 13.44
N ALA A 459 14.29 -2.41 12.40
CA ALA A 459 13.37 -3.51 12.07
C ALA A 459 14.15 -4.76 11.59
N ILE A 460 15.18 -4.58 10.74
CA ILE A 460 16.02 -5.70 10.29
C ILE A 460 16.66 -6.43 11.51
N ARG A 461 17.32 -5.69 12.43
CA ARG A 461 17.98 -6.25 13.61
C ARG A 461 16.97 -6.94 14.50
N PHE A 462 15.79 -6.30 14.68
CA PHE A 462 14.75 -6.82 15.53
C PHE A 462 14.23 -8.17 14.98
N ILE A 463 13.95 -8.24 13.65
CA ILE A 463 13.45 -9.50 13.05
C ILE A 463 14.46 -10.63 13.19
N ASN A 464 15.75 -10.38 12.88
CA ASN A 464 16.85 -11.35 12.98
C ASN A 464 17.08 -11.85 14.40
N GLU A 465 17.06 -10.95 15.41
CA GLU A 465 17.21 -11.32 16.83
C GLU A 465 16.06 -12.24 17.28
N LEU A 466 14.80 -11.88 16.92
CA LEU A 466 13.63 -12.65 17.30
C LEU A 466 13.62 -14.01 16.60
N LYS A 467 14.00 -14.06 15.33
CA LYS A 467 14.13 -15.33 14.62
C LYS A 467 15.21 -16.23 15.24
N ASP A 468 16.28 -15.64 15.84
CA ASP A 468 17.33 -16.42 16.53
C ASP A 468 16.79 -17.05 17.80
N THR A 469 15.76 -16.45 18.40
CA THR A 469 15.07 -16.93 19.58
C THR A 469 14.12 -18.08 19.21
N GLY A 470 13.80 -18.23 17.93
CA GLY A 470 12.90 -19.29 17.45
C GLY A 470 11.51 -18.81 17.05
N CYS A 471 11.25 -17.54 17.25
CA CYS A 471 9.97 -16.91 16.88
C CYS A 471 9.86 -16.79 15.37
N ARG A 472 8.63 -16.71 14.86
CA ARG A 472 8.37 -16.44 13.46
C ARG A 472 7.97 -14.97 13.34
N PHE A 473 7.97 -14.46 12.10
CA PHE A 473 7.66 -13.09 11.81
C PHE A 473 6.81 -12.93 10.58
N SER A 474 5.95 -11.91 10.62
CA SER A 474 5.05 -11.62 9.53
C SER A 474 5.13 -10.14 9.16
N LEU A 475 5.08 -9.84 7.85
CA LEU A 475 5.01 -8.48 7.38
C LEU A 475 3.56 -8.19 6.89
N ASP A 476 2.83 -7.36 7.64
CA ASP A 476 1.41 -7.05 7.44
C ASP A 476 1.22 -5.86 6.55
N ASP A 477 -0.04 -5.68 6.06
CA ASP A 477 -0.48 -4.55 5.23
C ASP A 477 0.44 -4.33 4.01
N PHE A 478 0.82 -5.44 3.37
CA PHE A 478 1.73 -5.46 2.24
C PHE A 478 1.01 -5.24 0.89
N CYS A 479 1.61 -4.39 0.05
CA CYS A 479 1.21 -4.05 -1.33
C CYS A 479 2.38 -4.34 -2.24
N ALA A 480 2.10 -4.75 -3.49
CA ALA A 480 3.17 -5.03 -4.45
C ALA A 480 3.67 -3.72 -5.07
N GLY A 481 4.96 -3.71 -5.35
CA GLY A 481 5.67 -2.58 -5.91
C GLY A 481 7.14 -2.86 -5.86
N MET A 482 7.93 -2.11 -6.63
CA MET A 482 9.36 -2.31 -6.64
C MET A 482 9.95 -1.97 -5.28
N SER A 483 9.48 -0.87 -4.62
CA SER A 483 9.99 -0.48 -3.30
C SER A 483 9.70 -1.56 -2.27
N SER A 484 8.40 -2.04 -2.20
CA SER A 484 7.95 -3.11 -1.31
C SER A 484 8.77 -4.37 -1.48
N PHE A 485 9.03 -4.79 -2.75
CA PHE A 485 9.81 -6.01 -2.98
C PHE A 485 11.28 -5.81 -2.70
N ILE A 486 11.75 -4.55 -2.78
CA ILE A 486 13.16 -4.22 -2.47
C ILE A 486 13.29 -4.30 -0.95
N TYR A 487 12.36 -3.68 -0.21
CA TYR A 487 12.31 -3.72 1.26
C TYR A 487 12.22 -5.16 1.76
N LEU A 488 11.36 -5.99 1.11
CA LEU A 488 11.17 -7.41 1.42
C LEU A 488 12.45 -8.21 1.33
N LYS A 489 13.40 -7.80 0.43
CA LYS A 489 14.69 -8.47 0.28
C LYS A 489 15.47 -8.42 1.57
N HIS A 490 15.29 -7.33 2.35
CA HIS A 490 16.08 -7.13 3.55
C HIS A 490 15.34 -7.52 4.84
N LEU A 491 14.02 -7.80 4.73
CA LEU A 491 13.18 -8.15 5.88
C LEU A 491 12.96 -9.66 5.97
N PRO A 492 13.71 -10.37 6.84
CA PRO A 492 13.62 -11.85 6.87
C PRO A 492 12.39 -12.43 7.58
N VAL A 493 11.21 -12.00 7.16
CA VAL A 493 9.93 -12.47 7.66
C VAL A 493 9.60 -13.86 7.08
N ASP A 494 8.71 -14.59 7.74
CA ASP A 494 8.27 -15.91 7.30
C ASP A 494 7.00 -15.80 6.46
N TYR A 495 6.15 -14.81 6.80
CA TYR A 495 4.85 -14.59 6.14
C TYR A 495 4.75 -13.21 5.62
N LEU A 496 3.93 -13.09 4.57
CA LEU A 496 3.59 -11.84 3.92
C LEU A 496 2.05 -11.76 3.97
N LYS A 497 1.52 -10.74 4.61
CA LYS A 497 0.07 -10.58 4.72
C LYS A 497 -0.42 -9.48 3.74
N ILE A 498 -1.21 -9.89 2.76
CA ILE A 498 -1.78 -9.00 1.76
C ILE A 498 -2.74 -7.99 2.42
N ASP A 499 -2.56 -6.69 2.16
CA ASP A 499 -3.48 -5.65 2.65
C ASP A 499 -4.91 -6.06 2.20
N GLY A 500 -5.82 -6.09 3.16
CA GLY A 500 -7.21 -6.47 2.96
C GLY A 500 -7.96 -5.70 1.90
N SER A 501 -7.63 -4.39 1.75
CA SER A 501 -8.24 -3.51 0.75
C SER A 501 -8.10 -4.08 -0.68
N PHE A 502 -7.05 -4.87 -0.98
CA PHE A 502 -6.93 -5.46 -2.34
C PHE A 502 -7.87 -6.65 -2.50
N VAL A 503 -8.01 -7.43 -1.41
CA VAL A 503 -8.82 -8.62 -1.36
C VAL A 503 -10.31 -8.24 -1.40
N LYS A 504 -10.71 -7.21 -0.64
CA LYS A 504 -12.08 -6.71 -0.56
C LYS A 504 -12.79 -6.59 -1.93
N ASP A 505 -12.13 -6.03 -2.93
CA ASP A 505 -12.75 -5.89 -4.26
C ASP A 505 -12.05 -6.66 -5.39
N MET A 506 -11.21 -7.66 -5.08
CA MET A 506 -10.47 -8.41 -6.13
C MET A 506 -11.36 -9.08 -7.19
N LEU A 507 -12.61 -9.46 -6.85
CA LEU A 507 -13.55 -10.11 -7.78
C LEU A 507 -14.31 -9.12 -8.69
N GLU A 508 -14.14 -7.80 -8.42
CA GLU A 508 -14.76 -6.71 -9.17
C GLU A 508 -13.71 -5.83 -9.85
N ASP A 509 -12.52 -5.69 -9.25
CA ASP A 509 -11.47 -4.88 -9.84
C ASP A 509 -10.33 -5.74 -10.42
N PRO A 510 -10.10 -5.71 -11.76
CA PRO A 510 -9.02 -6.53 -12.33
C PRO A 510 -7.63 -6.11 -11.88
N ILE A 511 -7.43 -4.84 -11.45
CA ILE A 511 -6.10 -4.40 -10.98
C ILE A 511 -5.84 -4.93 -9.54
N ASP A 512 -6.86 -4.92 -8.67
CA ASP A 512 -6.73 -5.48 -7.32
C ASP A 512 -6.56 -7.00 -7.37
N ARG A 513 -7.23 -7.67 -8.35
CA ARG A 513 -7.01 -9.10 -8.55
C ARG A 513 -5.55 -9.35 -8.97
N ALA A 514 -5.04 -8.60 -9.98
CA ALA A 514 -3.65 -8.69 -10.43
C ALA A 514 -2.63 -8.36 -9.31
N MET A 515 -2.93 -7.38 -8.42
CA MET A 515 -2.03 -7.07 -7.27
C MET A 515 -1.91 -8.25 -6.30
N VAL A 516 -3.03 -8.96 -6.02
CA VAL A 516 -3.06 -10.14 -5.15
C VAL A 516 -2.17 -11.21 -5.80
N GLN A 517 -2.34 -11.44 -7.12
CA GLN A 517 -1.55 -12.44 -7.85
C GLN A 517 -0.05 -12.11 -7.80
N VAL A 518 0.30 -10.84 -8.03
CA VAL A 518 1.69 -10.37 -7.96
C VAL A 518 2.27 -10.51 -6.54
N ILE A 519 1.56 -10.04 -5.49
CA ILE A 519 2.05 -10.19 -4.09
C ILE A 519 2.32 -11.68 -3.79
N ASN A 520 1.37 -12.52 -4.18
CA ASN A 520 1.50 -13.96 -3.98
C ASN A 520 2.71 -14.55 -4.71
N HIS A 521 2.79 -14.33 -6.04
CA HIS A 521 3.90 -14.85 -6.84
C HIS A 521 5.26 -14.40 -6.30
N ILE A 522 5.45 -13.09 -6.07
CA ILE A 522 6.75 -12.57 -5.59
C ILE A 522 7.04 -12.98 -4.14
N GLY A 523 6.03 -13.00 -3.28
CA GLY A 523 6.20 -13.47 -1.90
C GLY A 523 6.74 -14.87 -1.88
N HIS A 524 6.20 -15.73 -2.76
CA HIS A 524 6.66 -17.12 -2.89
C HIS A 524 8.09 -17.24 -3.43
N VAL A 525 8.49 -16.32 -4.36
CA VAL A 525 9.82 -16.32 -4.99
C VAL A 525 10.85 -16.00 -3.89
N MET A 526 10.44 -15.10 -2.99
CA MET A 526 11.25 -14.65 -1.86
C MET A 526 11.18 -15.55 -0.63
N GLY A 527 10.64 -16.76 -0.79
CA GLY A 527 10.55 -17.72 0.30
C GLY A 527 9.48 -17.46 1.35
N LYS A 528 8.61 -16.46 1.15
CA LYS A 528 7.53 -16.16 2.12
C LYS A 528 6.29 -17.02 1.87
N ARG A 529 5.55 -17.29 2.95
CA ARG A 529 4.23 -17.92 2.89
C ARG A 529 3.23 -16.72 2.90
N THR A 530 2.16 -16.79 2.11
CA THR A 530 1.24 -15.66 1.91
C THR A 530 -0.09 -15.83 2.64
N ILE A 531 -0.60 -14.71 3.17
CA ILE A 531 -1.84 -14.66 3.93
C ILE A 531 -2.71 -13.58 3.37
N ALA A 532 -3.97 -13.88 3.11
CA ALA A 532 -4.91 -12.91 2.63
C ALA A 532 -5.83 -12.53 3.78
N GLU A 533 -6.04 -11.24 4.00
CA GLU A 533 -7.00 -10.84 5.02
C GLU A 533 -8.27 -10.32 4.35
N PHE A 534 -9.32 -10.03 5.13
CA PHE A 534 -10.62 -9.55 4.61
C PHE A 534 -11.26 -10.51 3.64
N VAL A 535 -11.08 -11.83 3.88
CA VAL A 535 -11.70 -12.89 3.07
C VAL A 535 -13.09 -13.04 3.69
N GLU A 536 -14.06 -12.23 3.18
CA GLU A 536 -15.41 -12.19 3.76
C GLU A 536 -16.41 -13.20 3.16
N THR A 537 -16.11 -13.78 1.97
CA THR A 537 -16.98 -14.79 1.34
C THR A 537 -16.16 -16.00 0.86
N VAL A 538 -16.83 -17.16 0.69
CA VAL A 538 -16.19 -18.39 0.20
C VAL A 538 -15.77 -18.24 -1.30
N GLU A 539 -16.44 -17.35 -2.06
CA GLU A 539 -16.12 -17.05 -3.46
C GLU A 539 -14.73 -16.41 -3.53
N VAL A 540 -14.46 -15.44 -2.64
CA VAL A 540 -13.14 -14.79 -2.50
C VAL A 540 -12.11 -15.86 -2.10
N MET A 541 -12.46 -16.71 -1.12
CA MET A 541 -11.60 -17.78 -0.61
C MET A 541 -11.16 -18.74 -1.71
N GLU A 542 -12.10 -19.13 -2.60
CA GLU A 542 -11.80 -20.04 -3.69
C GLU A 542 -11.00 -19.37 -4.79
N ALA A 543 -11.20 -18.08 -5.03
CA ALA A 543 -10.40 -17.31 -5.97
C ALA A 543 -8.92 -17.28 -5.44
N LEU A 544 -8.74 -17.03 -4.15
CA LEU A 544 -7.40 -17.03 -3.51
C LEU A 544 -6.72 -18.40 -3.57
N ARG A 545 -7.50 -19.47 -3.40
CA ARG A 545 -6.99 -20.84 -3.50
C ARG A 545 -6.54 -21.16 -4.94
N GLU A 546 -7.32 -20.74 -5.96
CA GLU A 546 -6.99 -20.89 -7.39
C GLU A 546 -5.66 -20.15 -7.68
N ILE A 547 -5.48 -18.97 -7.06
CA ILE A 547 -4.27 -18.16 -7.24
C ILE A 547 -3.03 -18.83 -6.61
N GLY A 548 -3.20 -19.47 -5.46
CA GLY A 548 -2.10 -20.14 -4.77
C GLY A 548 -1.75 -19.55 -3.42
N ILE A 549 -2.55 -18.58 -2.91
CA ILE A 549 -2.33 -18.00 -1.55
C ILE A 549 -2.34 -19.14 -0.51
N ASP A 550 -1.41 -19.10 0.44
CA ASP A 550 -1.27 -20.15 1.44
C ASP A 550 -2.31 -20.16 2.53
N TYR A 551 -2.72 -18.99 3.04
CA TYR A 551 -3.59 -18.85 4.19
C TYR A 551 -4.64 -17.79 3.97
N ALA A 552 -5.75 -17.90 4.70
CA ALA A 552 -6.83 -16.94 4.59
C ALA A 552 -7.34 -16.58 5.94
N GLN A 553 -7.77 -15.34 6.08
CA GLN A 553 -8.33 -14.84 7.32
C GLN A 553 -9.48 -13.94 6.89
N GLY A 554 -10.56 -13.96 7.67
CA GLY A 554 -11.73 -13.13 7.47
C GLY A 554 -13.02 -13.76 7.97
N LEU A 555 -14.15 -13.05 7.82
CA LEU A 555 -15.47 -13.53 8.26
C LEU A 555 -15.92 -14.86 7.62
N ALA A 556 -15.42 -15.23 6.44
CA ALA A 556 -15.76 -16.52 5.81
C ALA A 556 -15.06 -17.68 6.50
N ILE A 557 -13.94 -17.38 7.21
CA ILE A 557 -13.05 -18.31 7.93
C ILE A 557 -13.55 -18.39 9.36
N GLY A 558 -13.71 -17.23 9.98
CA GLY A 558 -14.18 -17.14 11.35
C GLY A 558 -13.99 -15.76 11.92
N ALA A 559 -14.95 -15.36 12.75
CA ALA A 559 -14.92 -14.06 13.44
C ALA A 559 -13.93 -13.99 14.62
N PRO A 560 -13.52 -12.75 15.03
CA PRO A 560 -12.77 -12.60 16.30
C PRO A 560 -13.64 -13.07 17.48
N LEU A 561 -13.12 -13.99 18.28
CA LEU A 561 -13.77 -14.59 19.45
C LEU A 561 -12.99 -14.24 20.75
N PRO A 562 -13.64 -14.21 21.93
CA PRO A 562 -12.89 -13.94 23.18
C PRO A 562 -11.71 -14.89 23.37
N PHE A 563 -10.53 -14.37 23.70
CA PHE A 563 -9.37 -15.24 23.89
C PHE A 563 -8.96 -15.22 25.36
N SER A 564 -8.61 -14.03 25.89
CA SER A 564 -8.23 -13.84 27.29
C SER A 564 -9.49 -13.88 28.13
N ARG A 565 -9.35 -14.14 29.46
CA ARG A 565 -10.48 -14.23 30.39
C ARG A 565 -10.73 -12.90 31.08
#